data_5A2K
#
_entry.id   5A2K
#
_cell.length_a   35.418
_cell.length_b   68.796
_cell.length_c   90.414
_cell.angle_alpha   90.00
_cell.angle_beta   90.00
_cell.angle_gamma   90.00
#
_symmetry.space_group_name_H-M   'P 21 21 21'
#
loop_
_entity.id
_entity.type
_entity.pdbx_description
1 polymer 'IG LAMBDA-1 CHAIN V REGION S43'
2 polymer 'ANTIGEN TN, THR IS COVALENTLY BOUND TO GALNAC'
3 non-polymer 1,2-ETHANEDIOL
4 non-polymer 2-acetamido-2-deoxy-alpha-D-galactopyranose
5 water water
#
loop_
_entity_poly.entity_id
_entity_poly.type
_entity_poly.pdbx_seq_one_letter_code
_entity_poly.pdbx_strand_id
1 'polypeptide(L)'
;QVQLQESGGGLVQPGGSMKLSCVASGFTFSNYWMNWVRQSPEKGLEWVAEIRLKSNNYATHYAESVKGRFTISRDDSKSS
VYLQMNNLRAEDTGIYYCTGVGQFAYWGQGTTVTVSASSGGGGSGGGGGSSGSSDIVVTQESALTTSPGETVTLTCRSST
GAVTTSNYANWVQEKPDHLFTGLIGGTNNRAPGVPARFSGSLIGDKAALTITGAQTEDEAIYFCALWYSNHWVFGGGTKL
TVLG
;
H
2 'polypeptide(L)' APDTRP P
#
# COMPACT_ATOMS: atom_id res chain seq x y z
N GLN A 1 -10.30 13.64 9.54
CA GLN A 1 -10.55 12.71 8.40
C GLN A 1 -9.80 13.23 7.18
N VAL A 2 -8.61 12.69 6.99
CA VAL A 2 -7.90 12.77 5.71
C VAL A 2 -8.72 12.04 4.66
N GLN A 3 -8.74 12.59 3.44
CA GLN A 3 -9.42 11.92 2.36
C GLN A 3 -8.54 11.94 1.10
N LEU A 4 -8.52 10.80 0.43
CA LEU A 4 -7.91 10.69 -0.88
C LEU A 4 -9.02 10.14 -1.78
N GLN A 5 -9.06 10.62 -3.00
CA GLN A 5 -10.15 10.28 -3.91
C GLN A 5 -9.67 10.22 -5.34
N GLU A 6 -9.56 8.99 -5.84
CA GLU A 6 -9.10 8.72 -7.19
C GLU A 6 -10.25 8.85 -8.20
N SER A 7 -9.90 9.13 -9.45
CA SER A 7 -10.82 9.21 -10.56
C SER A 7 -10.09 8.95 -11.87
N GLY A 8 -10.86 8.62 -12.90
CA GLY A 8 -10.36 8.58 -14.25
C GLY A 8 -10.35 7.20 -14.86
N GLY A 9 -10.69 6.19 -14.08
CA GLY A 9 -10.64 4.81 -14.57
C GLY A 9 -11.80 4.53 -15.52
N GLY A 10 -11.84 3.30 -16.02
CA GLY A 10 -12.87 2.92 -16.96
C GLY A 10 -12.58 1.59 -17.64
N LEU A 11 -13.11 1.46 -18.86
CA LEU A 11 -13.06 0.25 -19.66
C LEU A 11 -12.42 0.62 -20.98
N VAL A 12 -11.20 0.12 -21.20
CA VAL A 12 -10.31 0.58 -22.26
C VAL A 12 -9.73 -0.62 -23.07
N GLN A 13 -9.31 -0.38 -24.31
CA GLN A 13 -8.72 -1.45 -25.15
C GLN A 13 -7.19 -1.52 -24.94
N PRO A 14 -6.61 -2.72 -25.11
CA PRO A 14 -5.17 -2.80 -25.07
C PRO A 14 -4.55 -1.85 -26.09
N GLY A 15 -3.42 -1.26 -25.74
CA GLY A 15 -2.74 -0.28 -26.59
C GLY A 15 -3.12 1.15 -26.29
N GLY A 16 -4.25 1.34 -25.60
CA GLY A 16 -4.73 2.69 -25.31
C GLY A 16 -3.98 3.42 -24.19
N SER A 17 -4.48 4.60 -23.87
CA SER A 17 -3.92 5.51 -22.88
C SER A 17 -5.06 5.99 -22.00
N MET A 18 -4.72 6.36 -20.77
CA MET A 18 -5.66 6.98 -19.86
C MET A 18 -4.87 7.64 -18.71
N LYS A 19 -5.41 8.73 -18.17
CA LYS A 19 -4.76 9.43 -17.07
C LYS A 19 -5.67 9.39 -15.84
N LEU A 20 -5.13 8.89 -14.75
CA LEU A 20 -5.83 8.88 -13.48
C LEU A 20 -5.46 10.08 -12.66
N SER A 21 -6.40 10.53 -11.82
CA SER A 21 -6.22 11.67 -10.93
C SER A 21 -6.53 11.22 -9.52
N CYS A 22 -5.97 11.93 -8.55
CA CYS A 22 -6.26 11.68 -7.14
C CYS A 22 -6.13 13.00 -6.42
N VAL A 23 -7.22 13.39 -5.74
CA VAL A 23 -7.21 14.61 -4.95
C VAL A 23 -7.17 14.28 -3.46
N ALA A 24 -6.29 14.98 -2.76
CA ALA A 24 -6.06 14.77 -1.34
C ALA A 24 -6.61 15.92 -0.47
N SER A 25 -7.03 15.62 0.75
CA SER A 25 -7.48 16.64 1.68
C SER A 25 -7.20 16.20 3.10
N GLY A 26 -7.03 17.17 4.01
CA GLY A 26 -6.90 16.86 5.45
C GLY A 26 -5.48 16.67 5.98
N PHE A 27 -4.48 16.78 5.11
CA PHE A 27 -3.09 16.75 5.54
C PHE A 27 -2.27 17.61 4.62
N THR A 28 -1.04 17.91 5.03
CA THR A 28 -0.20 18.80 4.21
C THR A 28 0.41 17.99 3.06
N PHE A 29 -0.37 17.86 2.00
CA PHE A 29 -0.06 17.00 0.84
C PHE A 29 1.35 17.23 0.31
N SER A 30 1.73 18.51 0.19
CA SER A 30 3.01 18.90 -0.41
C SER A 30 4.23 18.42 0.40
N ASN A 31 4.04 18.06 1.67
CA ASN A 31 5.11 17.58 2.54
C ASN A 31 5.43 16.10 2.43
N TYR A 32 4.56 15.35 1.73
CA TYR A 32 4.70 13.88 1.63
C TYR A 32 4.87 13.34 0.21
N TRP A 33 5.64 12.27 0.11
CA TRP A 33 5.71 11.54 -1.13
C TRP A 33 4.34 10.92 -1.37
N MET A 34 4.03 10.72 -2.64
CA MET A 34 2.82 9.99 -3.01
C MET A 34 3.14 8.78 -3.88
N ASN A 35 2.32 7.75 -3.73
CA ASN A 35 2.46 6.49 -4.47
C ASN A 35 1.16 6.12 -5.20
N TRP A 36 1.28 5.35 -6.27
CA TRP A 36 0.16 4.58 -6.83
C TRP A 36 0.45 3.13 -6.54
N VAL A 37 -0.60 2.41 -6.16
CA VAL A 37 -0.59 0.99 -5.90
C VAL A 37 -1.84 0.42 -6.56
N ARG A 38 -1.71 -0.73 -7.22
CA ARG A 38 -2.87 -1.34 -7.84
C ARG A 38 -3.16 -2.72 -7.32
N GLN A 39 -4.43 -3.09 -7.42
CA GLN A 39 -4.93 -4.37 -6.94
C GLN A 39 -5.59 -5.18 -8.06
N SER A 40 -5.08 -6.37 -8.34
CA SER A 40 -5.84 -7.32 -9.18
C SER A 40 -6.15 -8.62 -8.44
N PRO A 41 -7.24 -9.32 -8.84
CA PRO A 41 -7.47 -10.65 -8.27
C PRO A 41 -6.22 -11.52 -8.37
N GLU A 42 -5.55 -11.45 -9.51
CA GLU A 42 -4.40 -12.32 -9.86
C GLU A 42 -3.01 -11.97 -9.24
N LYS A 43 -2.74 -10.68 -8.98
CA LYS A 43 -1.41 -10.27 -8.48
C LYS A 43 -1.42 -9.54 -7.13
N GLY A 44 -2.53 -9.61 -6.39
CA GLY A 44 -2.67 -8.97 -5.07
C GLY A 44 -2.47 -7.46 -5.15
N LEU A 45 -1.76 -6.87 -4.16
CA LEU A 45 -1.33 -5.46 -4.25
C LEU A 45 0.03 -5.38 -4.93
N GLU A 46 0.15 -4.44 -5.87
CA GLU A 46 1.40 -4.15 -6.54
C GLU A 46 1.73 -2.66 -6.49
N TRP A 47 2.86 -2.31 -5.89
CA TRP A 47 3.32 -0.93 -5.95
C TRP A 47 3.74 -0.58 -7.38
N VAL A 48 3.27 0.58 -7.84
CA VAL A 48 3.44 1.04 -9.23
C VAL A 48 4.46 2.17 -9.39
N ALA A 49 4.36 3.21 -8.57
CA ALA A 49 5.18 4.40 -8.74
C ALA A 49 5.16 5.23 -7.49
N GLU A 50 6.22 6.03 -7.34
CA GLU A 50 6.29 7.04 -6.30
C GLU A 50 6.75 8.35 -6.92
N ILE A 51 6.38 9.43 -6.23
CA ILE A 51 6.88 10.76 -6.52
C ILE A 51 7.18 11.47 -5.21
N ARG A 52 8.35 12.10 -5.16
CA ARG A 52 8.79 12.75 -3.95
C ARG A 52 8.44 14.24 -4.10
N LEU A 53 9.26 15.21 -3.23
CA LEU A 53 8.73 16.54 -3.00
C LEU A 53 9.33 17.46 -4.06
N LYS A 54 8.76 18.81 -3.95
CA LYS A 54 9.29 19.91 -4.79
C LYS A 54 10.79 20.09 -4.58
N SER A 55 11.32 19.65 -3.07
CA SER A 55 12.73 19.88 -2.78
C SER A 55 13.58 18.76 -3.35
N ASN A 56 12.94 17.72 -3.89
CA ASN A 56 13.64 16.62 -4.57
C ASN A 56 13.46 16.74 -6.08
N ASN A 57 13.04 17.93 -6.53
CA ASN A 57 12.70 18.15 -7.94
C ASN A 57 11.77 17.05 -8.41
N TYR A 58 10.83 16.69 -7.53
CA TYR A 58 9.77 15.76 -7.86
C TYR A 58 10.26 14.45 -8.46
N ALA A 59 11.35 13.92 -7.89
CA ALA A 59 11.93 12.66 -8.34
C ALA A 59 10.91 11.52 -8.32
N THR A 60 10.97 10.68 -9.34
CA THR A 60 10.06 9.57 -9.49
C THR A 60 10.80 8.24 -9.58
N HIS A 61 10.11 7.18 -9.18
CA HIS A 61 10.58 5.81 -9.40
C HIS A 61 9.38 4.96 -9.76
N TYR A 62 9.63 3.93 -10.55
CA TYR A 62 8.58 3.06 -11.08
C TYR A 62 8.88 1.60 -10.86
N ALA A 63 7.83 0.80 -10.72
CA ALA A 63 7.98 -0.66 -10.82
C ALA A 63 8.46 -1.04 -12.24
N GLU A 64 9.29 -2.07 -12.31
CA GLU A 64 9.77 -2.51 -13.60
C GLU A 64 8.60 -2.84 -14.54
N SER A 65 7.46 -3.27 -13.98
CA SER A 65 6.31 -3.69 -14.78
C SER A 65 5.66 -2.56 -15.60
N VAL A 66 5.92 -1.31 -15.21
CA VAL A 66 5.30 -0.17 -15.85
C VAL A 66 6.30 0.85 -16.37
N LYS A 67 7.58 0.62 -16.10
CA LYS A 67 8.64 1.54 -16.50
C LYS A 67 8.59 1.76 -18.01
N GLY A 68 8.68 3.02 -18.40
CA GLY A 68 8.59 3.41 -19.81
C GLY A 68 7.20 3.53 -20.38
N ARG A 69 6.18 3.16 -19.59
CA ARG A 69 4.81 3.25 -20.05
C ARG A 69 3.99 4.22 -19.19
N PHE A 70 4.26 4.26 -17.90
CA PHE A 70 3.50 5.12 -16.98
C PHE A 70 4.34 6.32 -16.53
N THR A 71 3.66 7.41 -16.22
CA THR A 71 4.30 8.62 -15.67
C THR A 71 3.48 9.13 -14.50
N ILE A 72 4.14 9.29 -13.37
CA ILE A 72 3.48 9.85 -12.19
C ILE A 72 3.87 11.31 -12.13
N SER A 73 2.90 12.14 -11.73
CA SER A 73 3.13 13.56 -11.52
C SER A 73 2.23 14.10 -10.41
N ARG A 74 2.53 15.31 -9.96
CA ARG A 74 1.74 15.95 -8.93
C ARG A 74 1.62 17.44 -9.18
N ASP A 75 0.56 17.99 -8.60
CA ASP A 75 0.29 19.43 -8.61
C ASP A 75 -0.05 19.80 -7.18
N ASP A 76 0.97 20.24 -6.45
CA ASP A 76 0.81 20.64 -5.03
C ASP A 76 -0.21 21.78 -4.86
N SER A 77 -0.34 22.67 -5.84
CA SER A 77 -1.36 23.74 -5.75
C SER A 77 -2.81 23.19 -5.77
N LYS A 78 -3.01 22.01 -6.36
CA LYS A 78 -4.32 21.36 -6.39
C LYS A 78 -4.37 20.14 -5.45
N SER A 79 -3.34 19.94 -4.64
CA SER A 79 -3.32 18.78 -3.72
C SER A 79 -3.61 17.47 -4.47
N SER A 80 -3.03 17.33 -5.64
CA SER A 80 -3.35 16.22 -6.53
C SER A 80 -2.15 15.48 -7.05
N VAL A 81 -2.35 14.18 -7.26
CA VAL A 81 -1.36 13.31 -7.87
C VAL A 81 -2.01 12.63 -9.07
N TYR A 82 -1.21 12.29 -10.08
CA TYR A 82 -1.73 11.80 -11.33
C TYR A 82 -0.92 10.60 -11.82
N LEU A 83 -1.54 9.78 -12.67
CA LEU A 83 -0.86 8.66 -13.29
C LEU A 83 -1.30 8.59 -14.73
N GLN A 84 -0.38 8.94 -15.62
CA GLN A 84 -0.55 8.82 -17.06
C GLN A 84 -0.10 7.43 -17.44
N MET A 85 -1.03 6.68 -18.02
CA MET A 85 -0.81 5.33 -18.44
C MET A 85 -0.91 5.30 -19.95
N ASN A 86 0.36 4.77 -20.62
CA ASN A 86 0.38 4.57 -22.06
C ASN A 86 0.60 3.11 -22.37
N ASN A 87 0.17 2.58 -23.85
CA ASN A 87 0.45 1.19 -24.16
C ASN A 87 -0.03 0.32 -23.02
N LEU A 88 -1.53 0.53 -22.69
CA LEU A 88 -2.17 -0.35 -21.73
C LEU A 88 -2.13 -1.80 -22.20
N ARG A 89 -1.94 -2.70 -21.25
CA ARG A 89 -1.91 -4.14 -21.49
C ARG A 89 -2.99 -4.76 -20.62
N ALA A 90 -3.49 -5.92 -21.01
CA ALA A 90 -4.47 -6.64 -20.20
C ALA A 90 -4.01 -6.72 -18.72
N GLU A 91 -2.72 -6.96 -18.52
CA GLU A 91 -2.16 -7.12 -17.16
C GLU A 91 -2.16 -5.84 -16.30
N ASP A 92 -2.51 -4.70 -16.91
CA ASP A 92 -2.68 -3.45 -16.19
C ASP A 92 -4.05 -3.36 -15.54
N THR A 93 -4.94 -4.29 -15.85
CA THR A 93 -6.26 -4.31 -15.24
C THR A 93 -6.16 -4.36 -13.71
N GLY A 94 -6.89 -3.49 -13.02
CA GLY A 94 -6.96 -3.55 -11.56
C GLY A 94 -7.61 -2.32 -11.00
N ILE A 95 -7.73 -2.30 -9.67
CA ILE A 95 -8.12 -1.11 -8.95
C ILE A 95 -6.88 -0.30 -8.56
N TYR A 96 -6.87 0.96 -8.98
CA TYR A 96 -5.76 1.86 -8.73
C TYR A 96 -6.03 2.82 -7.56
N TYR A 97 -5.11 2.78 -6.60
CA TYR A 97 -5.17 3.60 -5.40
C TYR A 97 -3.99 4.55 -5.31
N CYS A 98 -4.26 5.78 -4.87
CA CYS A 98 -3.20 6.71 -4.42
C CYS A 98 -3.09 6.54 -2.91
N THR A 99 -1.84 6.51 -2.44
CA THR A 99 -1.54 6.21 -1.04
C THR A 99 -0.22 6.85 -0.64
N GLY A 100 -0.17 7.30 0.61
CA GLY A 100 1.09 7.76 1.21
C GLY A 100 0.96 8.04 2.68
N VAL A 101 2.03 8.61 3.23
CA VAL A 101 2.17 9.02 4.62
C VAL A 101 2.55 7.85 5.54
N GLY A 102 3.81 7.86 5.97
CA GLY A 102 4.31 6.99 7.03
C GLY A 102 4.08 5.50 7.01
N GLN A 103 4.21 4.79 5.89
CA GLN A 103 4.43 5.24 4.51
C GLN A 103 3.17 4.98 3.66
N PHE A 104 2.22 4.17 4.15
CA PHE A 104 0.98 3.86 3.41
C PHE A 104 -0.25 4.07 4.33
N ALA A 105 -0.25 5.13 5.28
CA ALA A 105 -1.33 5.38 6.23
C ALA A 105 -2.65 5.57 5.49
N TYR A 106 -2.62 6.36 4.43
CA TYR A 106 -3.85 6.80 3.79
C TYR A 106 -3.98 6.27 2.38
N TRP A 107 -5.19 5.78 2.08
CA TRP A 107 -5.57 5.25 0.80
C TRP A 107 -6.90 5.87 0.35
N GLY A 108 -7.02 6.10 -0.95
CA GLY A 108 -8.29 6.42 -1.53
C GLY A 108 -9.15 5.19 -1.69
N GLN A 109 -10.37 5.42 -2.14
CA GLN A 109 -11.33 4.33 -2.40
C GLN A 109 -10.98 3.50 -3.66
N GLY A 110 -10.16 4.07 -4.53
CA GLY A 110 -9.69 3.40 -5.73
C GLY A 110 -10.53 3.74 -6.94
N THR A 111 -9.89 3.65 -8.11
CA THR A 111 -10.54 3.76 -9.42
C THR A 111 -10.21 2.52 -10.24
N THR A 112 -11.24 1.90 -10.79
CA THR A 112 -11.10 0.65 -11.53
C THR A 112 -10.67 0.89 -12.99
N VAL A 113 -9.63 0.19 -13.41
CA VAL A 113 -9.14 0.20 -14.81
C VAL A 113 -9.29 -1.23 -15.34
N THR A 114 -10.11 -1.39 -16.38
CA THR A 114 -10.31 -2.68 -16.99
C THR A 114 -9.82 -2.57 -18.43
N VAL A 115 -8.79 -3.34 -18.76
CA VAL A 115 -8.20 -3.36 -20.08
C VAL A 115 -8.59 -4.65 -20.76
N SER A 116 -9.43 -4.59 -21.79
CA SER A 116 -9.85 -5.81 -22.47
C SER A 116 -10.24 -5.57 -23.92
N ILE A 136 12.36 -10.20 -6.42
CA ILE A 136 12.14 -10.25 -4.92
C ILE A 136 10.73 -10.70 -4.63
N VAL A 137 10.62 -11.66 -3.72
CA VAL A 137 9.35 -12.20 -3.27
C VAL A 137 9.22 -11.95 -1.77
N VAL A 138 8.06 -11.40 -1.40
CA VAL A 138 7.73 -11.15 -0.01
C VAL A 138 6.61 -12.11 0.34
N THR A 139 6.83 -12.93 1.37
CA THR A 139 5.92 -14.02 1.68
C THR A 139 5.23 -13.78 3.02
N GLN A 140 3.91 -13.90 2.98
CA GLN A 140 3.05 -13.89 4.17
C GLN A 140 2.23 -15.20 4.28
N GLU A 141 1.80 -15.50 5.48
CA GLU A 141 0.89 -16.64 5.68
C GLU A 141 -0.35 -16.48 4.80
N SER A 142 -0.76 -17.51 4.07
CA SER A 142 -2.00 -17.37 3.26
C SER A 142 -3.22 -16.99 4.12
N ALA A 143 -3.40 -17.73 5.21
CA ALA A 143 -4.50 -17.54 6.14
C ALA A 143 -4.09 -17.83 7.57
N LEU A 144 -4.68 -17.11 8.52
CA LEU A 144 -4.64 -17.49 9.92
C LEU A 144 -6.03 -17.37 10.50
N THR A 145 -6.32 -18.22 11.47
CA THR A 145 -7.59 -18.20 12.17
C THR A 145 -7.37 -17.89 13.66
N THR A 146 -8.14 -16.94 14.19
CA THR A 146 -8.09 -16.60 15.59
C THR A 146 -9.51 -16.45 16.15
N SER A 147 -9.61 -15.98 17.39
CA SER A 147 -10.90 -15.76 18.01
C SER A 147 -10.80 -14.47 18.77
N PRO A 148 -11.93 -13.86 19.10
CA PRO A 148 -11.87 -12.65 19.92
C PRO A 148 -11.14 -12.85 21.23
N GLY A 149 -10.23 -11.92 21.51
CA GLY A 149 -9.47 -11.91 22.73
C GLY A 149 -8.15 -12.64 22.68
N GLU A 150 -7.86 -13.34 21.59
CA GLU A 150 -6.58 -13.98 21.42
C GLU A 150 -5.51 -13.04 20.95
N THR A 151 -4.28 -13.51 21.00
CA THR A 151 -3.15 -12.77 20.47
C THR A 151 -2.69 -13.51 19.23
N VAL A 152 -2.64 -12.80 18.11
CA VAL A 152 -2.27 -13.40 16.84
C VAL A 152 -1.17 -12.58 16.21
N THR A 153 -0.19 -13.28 15.65
CA THR A 153 0.94 -12.62 15.00
C THR A 153 1.06 -13.07 13.55
N LEU A 154 1.07 -12.09 12.65
CA LEU A 154 1.24 -12.33 11.22
C LEU A 154 2.67 -11.99 10.86
N THR A 155 3.23 -12.70 9.87
CA THR A 155 4.63 -12.46 9.49
C THR A 155 4.87 -12.21 8.01
N CYS A 156 6.05 -11.67 7.73
CA CYS A 156 6.36 -11.07 6.45
C CYS A 156 7.83 -11.35 6.20
N ARG A 157 8.11 -12.28 5.29
CA ARG A 157 9.48 -12.69 5.00
C ARG A 157 9.97 -12.16 3.64
N SER A 158 11.25 -11.80 3.60
CA SER A 158 11.96 -11.37 2.39
C SER A 158 12.79 -12.51 1.77
N SER A 159 12.65 -12.72 0.45
CA SER A 159 13.46 -13.71 -0.28
C SER A 159 14.94 -13.33 -0.28
N THR A 160 15.23 -12.04 -0.15
CA THR A 160 16.62 -11.52 -0.22
C THR A 160 17.43 -11.96 0.99
N GLY A 161 16.77 -12.56 2.32
CA GLY A 161 17.46 -12.55 3.58
C GLY A 161 16.62 -11.84 4.60
N ALA A 162 17.47 -11.65 5.93
CA ALA A 162 16.71 -11.12 7.05
C ALA A 162 16.05 -9.80 6.67
N VAL A 163 14.67 -9.52 7.21
CA VAL A 163 14.11 -8.21 7.27
C VAL A 163 14.78 -7.42 8.40
N THR A 164 15.14 -6.18 8.08
CA THR A 164 15.75 -5.29 9.04
C THR A 164 14.96 -3.98 9.05
N THR A 165 15.28 -3.09 9.97
CA THR A 165 14.63 -1.77 9.98
C THR A 165 14.89 -0.97 8.69
N SER A 166 15.94 -1.32 7.93
CA SER A 166 16.21 -0.72 6.61
C SER A 166 15.23 -1.11 5.50
N ASN A 167 14.38 -2.09 5.78
CA ASN A 167 13.24 -2.41 4.94
C ASN A 167 11.93 -1.65 5.29
N TYR A 168 11.91 -0.89 6.39
CA TYR A 168 10.78 0.01 6.70
C TYR A 168 9.43 -0.67 6.53
N ALA A 169 9.24 -1.83 7.18
CA ALA A 169 8.06 -2.65 6.95
C ALA A 169 6.80 -1.85 7.25
N ASN A 170 5.84 -1.93 6.34
CA ASN A 170 4.49 -1.40 6.57
C ASN A 170 3.49 -2.53 6.60
N TRP A 171 2.39 -2.29 7.30
CA TRP A 171 1.27 -3.20 7.36
C TRP A 171 0.03 -2.43 7.02
N VAL A 172 -0.76 -2.98 6.10
CA VAL A 172 -1.99 -2.36 5.61
C VAL A 172 -3.14 -3.36 5.71
N GLN A 173 -4.29 -2.87 6.16
CA GLN A 173 -5.48 -3.68 6.29
C GLN A 173 -6.48 -3.44 5.17
N GLU A 174 -7.00 -4.51 4.59
CA GLU A 174 -8.06 -4.42 3.60
C GLU A 174 -9.35 -4.96 4.19
N LYS A 175 -10.35 -4.08 4.36
CA LYS A 175 -11.69 -4.50 4.78
C LYS A 175 -12.66 -4.54 3.58
N PRO A 176 -13.81 -5.18 3.76
CA PRO A 176 -14.58 -5.46 2.55
C PRO A 176 -14.92 -4.25 1.70
N ASP A 177 -15.18 -4.59 0.44
CA ASP A 177 -15.12 -3.73 -0.70
C ASP A 177 -13.98 -2.74 -0.66
N HIS A 178 -12.79 -3.32 -0.57
CA HIS A 178 -11.55 -2.64 -0.97
C HIS A 178 -11.31 -1.35 -0.18
N LEU A 179 -11.50 -1.44 1.15
CA LEU A 179 -11.26 -0.32 2.06
C LEU A 179 -9.92 -0.57 2.73
N PHE A 180 -8.90 0.17 2.30
CA PHE A 180 -7.53 -0.02 2.80
C PHE A 180 -7.16 1.04 3.80
N THR A 181 -6.54 0.61 4.89
CA THR A 181 -5.99 1.54 5.86
C THR A 181 -4.64 1.06 6.37
N GLY A 182 -3.69 1.98 6.39
CA GLY A 182 -2.37 1.69 6.88
C GLY A 182 -2.37 1.61 8.38
N LEU A 183 -1.75 0.55 8.91
CA LEU A 183 -1.69 0.34 10.37
C LEU A 183 -0.35 0.70 11.00
N ILE A 184 0.72 0.26 10.35
CA ILE A 184 2.09 0.38 10.83
C ILE A 184 2.97 0.78 9.66
N GLY A 185 3.94 1.66 9.94
CA GLY A 185 5.00 2.02 9.00
C GLY A 185 6.31 2.08 9.75
N GLY A 186 7.42 2.13 9.00
CA GLY A 186 8.74 2.20 9.62
C GLY A 186 8.93 1.12 10.65
N THR A 187 8.51 -0.09 10.29
CA THR A 187 8.67 -1.28 11.14
C THR A 187 7.65 -1.37 12.29
N ASN A 188 7.63 -0.36 13.16
CA ASN A 188 6.81 -0.41 14.34
C ASN A 188 6.12 0.90 14.76
N ASN A 189 5.98 1.82 13.83
CA ASN A 189 5.28 3.05 14.11
C ASN A 189 3.80 2.96 13.74
N ARG A 190 2.96 3.08 14.75
CA ARG A 190 1.54 2.96 14.52
C ARG A 190 0.98 4.24 13.86
N ALA A 191 0.32 4.14 12.71
CA ALA A 191 -0.30 5.34 12.07
C ALA A 191 -1.32 6.06 13.01
N PRO A 192 -1.56 7.37 12.81
CA PRO A 192 -2.44 8.03 13.82
C PRO A 192 -3.86 7.45 13.88
N GLY A 193 -4.42 7.39 15.08
CA GLY A 193 -5.76 6.87 15.29
C GLY A 193 -5.89 5.36 15.08
N VAL A 194 -4.78 4.68 14.81
CA VAL A 194 -4.80 3.22 14.72
C VAL A 194 -4.88 2.66 16.15
N PRO A 195 -5.78 1.69 16.37
CA PRO A 195 -5.94 1.13 17.70
C PRO A 195 -4.67 0.53 18.29
N ALA A 196 -4.53 0.70 19.59
CA ALA A 196 -3.37 0.20 20.31
C ALA A 196 -3.15 -1.32 20.30
N ARG A 197 -4.20 -2.12 20.08
CA ARG A 197 -4.05 -3.58 19.92
C ARG A 197 -3.17 -4.00 18.77
N PHE A 198 -2.91 -3.10 17.79
CA PHE A 198 -2.00 -3.42 16.69
C PHE A 198 -0.55 -2.98 16.99
N SER A 199 0.41 -3.87 16.77
CA SER A 199 1.83 -3.46 16.91
C SER A 199 2.70 -4.15 15.89
N GLY A 200 3.75 -3.45 15.51
CA GLY A 200 4.72 -3.96 14.53
C GLY A 200 6.02 -4.34 15.20
N SER A 201 6.67 -5.37 14.67
CA SER A 201 7.94 -5.82 15.22
CA SER A 201 7.90 -5.90 15.24
C SER A 201 8.77 -6.52 14.15
N LEU A 202 10.00 -6.85 14.54
CA LEU A 202 10.85 -7.78 13.81
C LEU A 202 11.03 -8.99 14.72
N ILE A 203 10.75 -10.17 14.19
CA ILE A 203 10.85 -11.39 14.99
C ILE A 203 11.43 -12.45 14.08
N GLY A 204 12.55 -13.05 14.50
CA GLY A 204 13.18 -14.13 13.70
C GLY A 204 13.46 -13.70 12.25
N ASP A 205 13.99 -12.51 12.08
CA ASP A 205 14.35 -12.03 10.74
C ASP A 205 13.18 -11.89 9.73
N LYS A 206 11.97 -11.78 10.27
CA LYS A 206 10.78 -11.44 9.50
C LYS A 206 10.21 -10.19 10.15
N ALA A 207 9.43 -9.43 9.39
CA ALA A 207 8.57 -8.40 9.99
C ALA A 207 7.33 -9.09 10.52
N ALA A 208 6.72 -8.49 11.52
CA ALA A 208 5.58 -9.11 12.15
C ALA A 208 4.56 -8.06 12.61
N LEU A 209 3.29 -8.41 12.48
CA LEU A 209 2.19 -7.62 13.00
C LEU A 209 1.44 -8.47 14.03
N THR A 210 1.25 -7.91 15.22
CA THR A 210 0.63 -8.61 16.34
C THR A 210 -0.65 -7.86 16.68
N ILE A 211 -1.75 -8.61 16.79
CA ILE A 211 -2.97 -8.08 17.36
C ILE A 211 -3.12 -8.69 18.76
N THR A 212 -3.01 -7.84 19.78
CA THR A 212 -3.06 -8.30 21.15
C THR A 212 -4.50 -8.11 21.66
N GLY A 213 -5.29 -9.20 21.57
CA GLY A 213 -6.72 -9.18 21.85
C GLY A 213 -7.48 -8.92 20.56
N ALA A 214 -7.57 -9.95 19.72
CA ALA A 214 -8.23 -9.75 18.42
C ALA A 214 -9.72 -9.43 18.63
N GLN A 215 -10.27 -8.58 17.78
CA GLN A 215 -11.70 -8.24 17.84
C GLN A 215 -12.37 -8.72 16.56
N THR A 216 -13.68 -8.97 16.62
CA THR A 216 -14.36 -9.54 15.47
CA THR A 216 -14.39 -9.54 15.47
C THR A 216 -14.18 -8.72 14.20
N GLU A 217 -14.14 -7.40 14.34
CA GLU A 217 -13.96 -6.50 13.20
C GLU A 217 -12.57 -6.49 12.61
N ASP A 218 -11.64 -7.22 13.23
CA ASP A 218 -10.30 -7.39 12.68
C ASP A 218 -10.21 -8.46 11.60
N GLU A 219 -11.31 -9.16 11.36
CA GLU A 219 -11.37 -10.10 10.24
C GLU A 219 -11.23 -9.29 8.95
N ALA A 220 -10.16 -9.58 8.20
CA ALA A 220 -9.69 -8.70 7.14
C ALA A 220 -8.48 -9.33 6.47
N ILE A 221 -8.03 -8.74 5.37
CA ILE A 221 -6.82 -9.17 4.73
C ILE A 221 -5.73 -8.17 5.13
N TYR A 222 -4.57 -8.68 5.52
CA TYR A 222 -3.46 -7.85 5.97
C TYR A 222 -2.27 -8.00 5.02
N PHE A 223 -1.82 -6.87 4.47
CA PHE A 223 -0.66 -6.88 3.57
C PHE A 223 0.53 -6.22 4.24
N CYS A 224 1.70 -6.79 4.02
CA CYS A 224 2.93 -6.12 4.34
C CYS A 224 3.59 -5.59 3.07
N ALA A 225 4.39 -4.55 3.25
CA ALA A 225 5.21 -4.03 2.21
C ALA A 225 6.61 -3.75 2.77
N LEU A 226 7.61 -4.15 1.99
CA LEU A 226 9.03 -3.98 2.32
C LEU A 226 9.71 -3.08 1.29
N TRP A 227 10.61 -2.23 1.78
CA TRP A 227 11.34 -1.28 0.95
C TRP A 227 12.73 -1.79 0.67
N TYR A 228 13.13 -1.73 -0.60
CA TYR A 228 14.45 -2.17 -1.02
C TYR A 228 15.16 -1.04 -1.76
N SER A 229 15.73 -0.14 -0.96
CA SER A 229 16.54 1.02 -1.42
C SER A 229 15.82 2.09 -2.25
N ASN A 230 15.01 1.67 -3.23
CA ASN A 230 14.30 2.62 -4.08
C ASN A 230 12.97 2.13 -4.63
N HIS A 231 12.45 1.03 -4.08
CA HIS A 231 11.12 0.53 -4.45
C HIS A 231 10.51 -0.32 -3.35
N TRP A 232 9.21 -0.55 -3.48
CA TRP A 232 8.45 -1.39 -2.54
C TRP A 232 8.06 -2.73 -3.19
N VAL A 233 8.09 -3.79 -2.39
CA VAL A 233 7.44 -5.04 -2.77
C VAL A 233 6.41 -5.39 -1.71
N PHE A 234 5.14 -5.55 -2.16
CA PHE A 234 4.05 -5.99 -1.29
C PHE A 234 4.05 -7.52 -1.23
N GLY A 235 3.79 -8.05 -0.03
CA GLY A 235 3.53 -9.45 0.15
C GLY A 235 2.17 -9.84 -0.40
N GLY A 236 1.86 -11.13 -0.38
CA GLY A 236 0.61 -11.62 -0.98
C GLY A 236 -0.62 -11.46 -0.11
N GLY A 237 -0.44 -11.06 1.13
CA GLY A 237 -1.53 -10.85 2.05
C GLY A 237 -1.89 -12.08 2.85
N THR A 238 -2.40 -11.86 4.07
CA THR A 238 -2.89 -12.90 4.93
C THR A 238 -4.36 -12.63 5.18
N LYS A 239 -5.18 -13.63 4.89
CA LYS A 239 -6.57 -13.61 5.28
C LYS A 239 -6.71 -14.03 6.74
N LEU A 240 -7.04 -13.07 7.60
CA LEU A 240 -7.31 -13.37 8.99
C LEU A 240 -8.80 -13.55 9.25
N THR A 241 -9.17 -14.73 9.74
CA THR A 241 -10.53 -15.01 10.16
C THR A 241 -10.60 -14.90 11.68
N VAL A 242 -11.64 -14.23 12.18
CA VAL A 242 -11.87 -14.12 13.61
C VAL A 242 -13.21 -14.79 13.88
N LEU A 243 -13.06 -16.17 14.56
CA LEU A 243 -14.26 -16.99 14.79
C LEU A 243 -14.64 -16.94 16.24
N GLY A 244 -15.92 -16.70 16.51
CA GLY A 244 -16.48 -16.88 17.87
C GLY A 244 -16.91 -15.57 18.50
N ALA B 1 15.00 5.30 4.60
CA ALA B 1 15.11 6.02 3.34
C ALA B 1 13.91 6.06 2.37
N PRO B 2 12.73 5.43 2.68
CA PRO B 2 11.51 5.94 2.01
C PRO B 2 11.04 7.23 2.71
N ASP B 3 9.77 7.57 2.58
CA ASP B 3 9.22 8.78 3.20
C ASP B 3 8.99 8.52 4.68
N THR B 4 10.03 8.79 5.46
CA THR B 4 9.99 8.61 6.92
C THR B 4 9.49 9.83 7.68
N ARG B 5 8.95 10.83 6.96
CA ARG B 5 8.39 11.98 7.64
C ARG B 5 7.22 11.56 8.50
N PRO B 6 7.18 12.01 9.78
CA PRO B 6 6.06 11.64 10.65
C PRO B 6 4.66 12.06 10.17
#